data_1JSI
#
_entry.id   1JSI
#
_cell.length_a   108.577
_cell.length_b   108.577
_cell.length_c   149.409
_cell.angle_alpha   90.00
_cell.angle_beta   90.00
_cell.angle_gamma   120.00
#
_symmetry.space_group_name_H-M   'P 63'
#
loop_
_entity.id
_entity.type
_entity.pdbx_description
1 polymer 'HAEMAGGLUTININ (HA1 CHAIN)'
2 polymer 'HAEMAGGLUTININ (HA2 CHAIN)'
3 branched 2-acetamido-2-deoxy-beta-D-glucopyranose-(1-4)-2-acetamido-2-deoxy-beta-D-glucopyranose
4 branched 2-acetamido-2-deoxy-beta-D-glucopyranose-(1-4)-[2-acetamido-2-deoxy-beta-D-glucopyranose-(1-6)]2-acetamido-2-deoxy-beta-D-glucopyranose
5 branched 'N-acetyl-alpha-neuraminic acid-(2-6)-beta-D-galactopyranose-(1-4)-2-acetamido-2-deoxy-beta-D-glucopyranose-(1-3)-beta-D-galactopyranose-(1-4)-alpha-D-glucopyranose'
6 non-polymer 2-acetamido-2-deoxy-beta-D-glucopyranose
7 water water
#
loop_
_entity_poly.entity_id
_entity_poly.type
_entity_poly.pdbx_seq_one_letter_code
_entity_poly.pdbx_strand_id
1 'polypeptide(L)'
;DKICIGYQSTNSTETVDTLTETNVPVTHAKELLHTSHNGMLCATNLGHPLILDTCTIEGLIYGNPSCDLLLGGREWSYIV
ERPSAVNGMCYPGNVENLEELRSLFSSASSYQRIQIFPDTIWNVSYSGTSSACSDSFYRSMRWLTQKNNAYPIQDAQYTN
NRGKSILFMWGINHPPTDTVQTNLYTRTDTTTSVTTEDINRTFKPVIGPRPLVNGLHGRIDYYWSVLKPGQTLRVRSNGN
LIAPWYGHILSGESHGRILKTDLNSGNCVVQCQTERGGLNTTLPFHNVSKYAFGNCPKYVGVKSLKLAVGLRNVPARSS
;
A
2 'polypeptide(L)'
;GLFGAIAGFIEGGWPGLVAGWYGFQHSNDQGVGMAADSDSTQKAIDKITSKVNNIVDKMNKQYGIIDHEFSEIETRLNMI
NNKIDDQIQDIWTYNAELLVLLENQKTLDEHDANVNNLYNKVKRALGSNAMEDGKGCFELYHKCDDQCMETIRNGTYNRR
KYKEESKLERQKIEGI
;
B
#
# COMPACT_ATOMS: atom_id res chain seq x y z
N ASP A 1 -26.70 -55.26 -18.35
CA ASP A 1 -26.74 -53.79 -18.16
C ASP A 1 -25.89 -53.38 -16.96
N LYS A 2 -25.45 -52.13 -16.95
CA LYS A 2 -24.65 -51.67 -15.83
C LYS A 2 -24.73 -50.17 -15.67
N ILE A 3 -24.41 -49.70 -14.47
CA ILE A 3 -24.41 -48.27 -14.21
C ILE A 3 -23.08 -47.98 -13.50
N CYS A 4 -22.42 -46.91 -13.94
CA CYS A 4 -21.12 -46.54 -13.40
C CYS A 4 -21.06 -45.15 -12.81
N ILE A 5 -20.18 -44.98 -11.82
CA ILE A 5 -19.98 -43.68 -11.20
C ILE A 5 -18.68 -43.14 -11.77
N GLY A 6 -18.65 -41.83 -12.03
CA GLY A 6 -17.45 -41.24 -12.58
C GLY A 6 -17.35 -39.77 -12.25
N TYR A 7 -16.29 -39.15 -12.77
CA TYR A 7 -16.05 -37.74 -12.52
C TYR A 7 -15.55 -37.06 -13.78
N GLN A 8 -15.76 -35.76 -13.84
CA GLN A 8 -15.39 -34.94 -14.98
C GLN A 8 -13.91 -34.78 -15.25
N SER A 9 -13.59 -34.72 -16.55
CA SER A 9 -12.24 -34.51 -17.05
C SER A 9 -12.41 -33.41 -18.09
N THR A 10 -11.49 -32.45 -18.16
CA THR A 10 -11.59 -31.38 -19.15
C THR A 10 -10.24 -31.08 -19.82
N ASN A 11 -10.22 -30.10 -20.71
CA ASN A 11 -8.99 -29.73 -21.39
C ASN A 11 -8.26 -28.59 -20.70
N SER A 12 -8.66 -28.32 -19.47
CA SER A 12 -8.04 -27.29 -18.66
C SER A 12 -6.56 -27.61 -18.52
N THR A 13 -5.71 -26.59 -18.61
CA THR A 13 -4.28 -26.79 -18.44
C THR A 13 -3.89 -26.24 -17.06
N GLU A 14 -4.89 -25.81 -16.30
CA GLU A 14 -4.64 -25.26 -14.96
C GLU A 14 -4.04 -26.32 -14.05
N THR A 15 -3.05 -25.91 -13.24
CA THR A 15 -2.44 -26.81 -12.28
C THR A 15 -2.31 -26.06 -10.96
N VAL A 16 -2.16 -26.80 -9.87
CA VAL A 16 -2.01 -26.20 -8.56
C VAL A 16 -1.00 -27.02 -7.77
N ASP A 17 -0.50 -26.46 -6.68
CA ASP A 17 0.46 -27.18 -5.85
C ASP A 17 -0.12 -27.51 -4.48
N THR A 18 0.48 -28.51 -3.85
CA THR A 18 0.10 -28.90 -2.50
C THR A 18 1.44 -29.12 -1.83
N LEU A 19 1.41 -29.52 -0.57
CA LEU A 19 2.63 -29.75 0.16
C LEU A 19 3.27 -31.08 -0.27
N THR A 20 2.44 -32.05 -0.66
CA THR A 20 2.92 -33.37 -1.06
C THR A 20 2.94 -33.62 -2.55
N GLU A 21 2.78 -32.56 -3.35
CA GLU A 21 2.76 -32.73 -4.80
C GLU A 21 2.69 -31.37 -5.48
N THR A 22 3.34 -31.23 -6.63
CA THR A 22 3.33 -29.96 -7.34
C THR A 22 2.86 -30.10 -8.79
N ASN A 23 2.26 -29.04 -9.31
CA ASN A 23 1.73 -29.04 -10.67
C ASN A 23 0.65 -30.10 -10.86
N VAL A 24 -0.25 -30.22 -9.89
CA VAL A 24 -1.35 -31.18 -9.97
C VAL A 24 -2.35 -30.60 -11.00
N PRO A 25 -2.76 -31.42 -11.97
CA PRO A 25 -3.71 -30.93 -12.97
C PRO A 25 -5.10 -30.82 -12.36
N VAL A 26 -5.80 -29.71 -12.60
CA VAL A 26 -7.14 -29.55 -12.07
C VAL A 26 -8.11 -29.03 -13.12
N THR A 27 -9.38 -29.37 -12.95
CA THR A 27 -10.41 -28.96 -13.89
C THR A 27 -10.71 -27.47 -13.78
N HIS A 28 -10.63 -26.94 -12.57
CA HIS A 28 -10.90 -25.51 -12.36
C HIS A 28 -10.05 -24.99 -11.22
N ALA A 29 -9.53 -23.78 -11.38
CA ALA A 29 -8.71 -23.13 -10.37
C ALA A 29 -8.95 -21.63 -10.40
N LYS A 30 -8.53 -20.93 -9.35
CA LYS A 30 -8.70 -19.49 -9.28
C LYS A 30 -7.42 -18.80 -8.83
N GLU A 31 -6.92 -17.90 -9.66
CA GLU A 31 -5.71 -17.15 -9.32
C GLU A 31 -6.09 -16.10 -8.28
N LEU A 32 -5.45 -16.16 -7.11
CA LEU A 32 -5.75 -15.21 -6.03
C LEU A 32 -4.80 -14.00 -5.98
N LEU A 33 -3.75 -14.04 -6.80
CA LEU A 33 -2.79 -12.96 -6.82
C LEU A 33 -2.95 -12.01 -8.02
N HIS A 34 -3.20 -10.73 -7.74
CA HIS A 34 -3.34 -9.72 -8.77
C HIS A 34 -1.93 -9.23 -9.09
N THR A 35 -1.55 -9.19 -10.36
CA THR A 35 -0.21 -8.75 -10.71
C THR A 35 -0.09 -7.57 -11.69
N SER A 36 -1.21 -6.99 -12.08
CA SER A 36 -1.18 -5.88 -13.02
C SER A 36 -1.34 -4.51 -12.37
N HIS A 37 -0.80 -3.49 -13.03
CA HIS A 37 -0.91 -2.11 -12.57
C HIS A 37 -0.88 -1.24 -13.82
N ASN A 38 -1.46 -0.04 -13.73
CA ASN A 38 -1.52 0.86 -14.88
C ASN A 38 -0.27 1.67 -15.19
N GLY A 39 0.80 1.48 -14.42
CA GLY A 39 2.04 2.21 -14.66
C GLY A 39 1.97 3.72 -14.48
N MET A 40 0.96 4.20 -13.77
CA MET A 40 0.80 5.63 -13.55
C MET A 40 0.56 6.02 -12.10
N LEU A 41 0.71 7.31 -11.84
CA LEU A 41 0.44 7.87 -10.53
C LEU A 41 -0.95 8.46 -10.70
N CYS A 42 -1.90 8.02 -9.89
CA CYS A 42 -3.26 8.51 -10.00
C CYS A 42 -3.79 9.05 -8.68
N ALA A 43 -5.05 9.43 -8.70
CA ALA A 43 -5.70 9.92 -7.52
C ALA A 43 -6.27 8.67 -6.84
N THR A 44 -6.44 8.73 -5.53
CA THR A 44 -7.00 7.61 -4.79
C THR A 44 -8.32 8.11 -4.26
N ASN A 45 -8.96 7.30 -3.44
CA ASN A 45 -10.23 7.69 -2.86
C ASN A 45 -10.09 8.94 -1.98
N LEU A 46 -8.84 9.35 -1.74
CA LEU A 46 -8.56 10.53 -0.94
C LEU A 46 -8.22 11.75 -1.79
N GLY A 47 -8.24 11.58 -3.10
CA GLY A 47 -7.95 12.71 -3.96
C GLY A 47 -6.68 12.60 -4.78
N HIS A 48 -6.28 13.73 -5.36
CA HIS A 48 -5.10 13.80 -6.21
C HIS A 48 -3.83 14.05 -5.41
N PRO A 49 -2.70 13.52 -5.90
CA PRO A 49 -1.42 13.71 -5.21
C PRO A 49 -0.87 15.10 -5.46
N LEU A 50 -0.02 15.58 -4.55
CA LEU A 50 0.62 16.87 -4.72
C LEU A 50 1.93 16.51 -5.41
N ILE A 51 2.06 16.89 -6.67
CA ILE A 51 3.26 16.58 -7.44
C ILE A 51 4.25 17.74 -7.47
N LEU A 52 5.37 17.56 -6.78
CA LEU A 52 6.40 18.58 -6.71
C LEU A 52 7.47 18.30 -7.75
N ASP A 53 7.53 19.10 -8.81
CA ASP A 53 8.55 18.84 -9.83
C ASP A 53 9.77 19.75 -9.82
N THR A 54 9.71 20.87 -9.10
CA THR A 54 10.88 21.74 -9.03
C THR A 54 11.22 22.10 -7.59
N CYS A 55 10.24 21.98 -6.71
CA CYS A 55 10.45 22.31 -5.30
C CYS A 55 10.35 21.12 -4.35
N THR A 56 11.29 21.04 -3.41
CA THR A 56 11.28 19.99 -2.42
C THR A 56 10.31 20.41 -1.33
N ILE A 57 9.88 19.46 -0.52
CA ILE A 57 8.94 19.75 0.56
C ILE A 57 9.40 20.91 1.43
N GLU A 58 10.67 20.95 1.81
CA GLU A 58 11.13 22.05 2.64
C GLU A 58 11.19 23.36 1.85
N GLY A 59 11.38 23.25 0.54
CA GLY A 59 11.41 24.45 -0.28
C GLY A 59 10.04 25.09 -0.22
N LEU A 60 9.02 24.24 -0.26
CA LEU A 60 7.64 24.68 -0.18
C LEU A 60 7.39 25.29 1.21
N ILE A 61 7.69 24.52 2.25
CA ILE A 61 7.47 24.98 3.62
C ILE A 61 8.13 26.33 3.93
N TYR A 62 9.39 26.50 3.56
CA TYR A 62 10.06 27.76 3.81
C TYR A 62 9.76 28.86 2.80
N GLY A 63 9.02 28.51 1.76
CA GLY A 63 8.68 29.51 0.77
C GLY A 63 9.85 29.95 -0.09
N ASN A 64 10.61 28.99 -0.58
CA ASN A 64 11.72 29.30 -1.48
C ASN A 64 11.10 30.17 -2.59
N PRO A 65 11.74 31.29 -2.95
CA PRO A 65 11.21 32.18 -4.00
C PRO A 65 10.89 31.55 -5.36
N SER A 66 11.33 30.31 -5.58
CA SER A 66 11.06 29.63 -6.84
C SER A 66 9.81 28.74 -6.76
N CYS A 67 9.14 28.77 -5.60
CA CYS A 67 7.97 27.92 -5.40
C CYS A 67 6.68 28.71 -5.21
N ASP A 68 6.65 29.93 -5.76
CA ASP A 68 5.47 30.79 -5.62
C ASP A 68 4.16 30.13 -6.00
N LEU A 69 4.20 29.24 -6.98
CA LEU A 69 3.00 28.54 -7.43
C LEU A 69 2.29 27.80 -6.28
N LEU A 70 3.04 27.49 -5.23
CA LEU A 70 2.48 26.75 -4.10
C LEU A 70 1.99 27.64 -2.94
N LEU A 71 2.22 28.94 -3.02
CA LEU A 71 1.82 29.87 -1.96
C LEU A 71 0.34 29.85 -1.62
N GLY A 72 -0.51 29.50 -2.58
CA GLY A 72 -1.93 29.48 -2.32
C GLY A 72 -2.46 28.30 -1.52
N GLY A 73 -1.60 27.32 -1.24
CA GLY A 73 -2.03 26.16 -0.48
C GLY A 73 -2.57 25.04 -1.36
N ARG A 74 -2.46 23.81 -0.88
CA ARG A 74 -2.93 22.64 -1.61
C ARG A 74 -3.53 21.62 -0.64
N GLU A 75 -4.07 20.55 -1.21
CA GLU A 75 -4.61 19.44 -0.44
C GLU A 75 -4.25 18.23 -1.28
N TRP A 76 -3.90 17.14 -0.63
CA TRP A 76 -3.46 15.96 -1.37
C TRP A 76 -3.78 14.65 -0.68
N SER A 77 -3.67 13.57 -1.46
CA SER A 77 -3.89 12.21 -0.95
C SER A 77 -2.50 11.74 -0.54
N TYR A 78 -1.52 12.03 -1.40
CA TYR A 78 -0.11 11.68 -1.17
C TYR A 78 0.80 12.68 -1.87
N ILE A 79 2.09 12.65 -1.57
CA ILE A 79 3.03 13.58 -2.19
C ILE A 79 4.01 12.87 -3.10
N VAL A 80 4.39 13.56 -4.17
CA VAL A 80 5.37 13.02 -5.12
C VAL A 80 6.44 14.07 -5.34
N GLU A 81 7.68 13.70 -5.05
CA GLU A 81 8.83 14.59 -5.24
C GLU A 81 9.59 14.06 -6.45
N ARG A 82 9.46 14.74 -7.59
CA ARG A 82 10.17 14.34 -8.79
C ARG A 82 11.66 14.51 -8.55
N PRO A 83 12.50 13.74 -9.27
CA PRO A 83 13.94 13.86 -9.09
C PRO A 83 14.43 15.23 -9.57
N SER A 84 13.56 15.95 -10.28
CA SER A 84 13.91 17.27 -10.78
C SER A 84 13.69 18.35 -9.70
N ALA A 85 13.00 18.00 -8.63
CA ALA A 85 12.77 18.96 -7.55
C ALA A 85 14.10 19.21 -6.85
N VAL A 86 14.67 20.39 -7.07
CA VAL A 86 15.96 20.71 -6.47
C VAL A 86 15.95 22.04 -5.72
N ASN A 87 14.81 22.73 -5.75
CA ASN A 87 14.70 24.00 -5.05
C ASN A 87 14.20 23.79 -3.61
N GLY A 88 15.14 23.79 -2.68
CA GLY A 88 14.80 23.61 -1.28
C GLY A 88 15.27 24.83 -0.52
N MET A 89 16.40 24.71 0.16
CA MET A 89 16.96 25.83 0.91
C MET A 89 17.97 26.53 0.00
N CYS A 90 17.55 27.62 -0.65
CA CYS A 90 18.41 28.36 -1.56
C CYS A 90 19.63 28.97 -0.87
N TYR A 91 19.43 29.57 0.30
CA TYR A 91 20.56 30.14 1.03
C TYR A 91 21.21 29.01 1.83
N PRO A 92 22.53 28.82 1.67
CA PRO A 92 23.29 27.77 2.36
C PRO A 92 22.91 27.63 3.84
N GLY A 93 22.63 26.39 4.24
CA GLY A 93 22.26 26.13 5.63
C GLY A 93 21.47 24.84 5.71
N ASN A 94 21.25 24.33 6.92
CA ASN A 94 20.50 23.10 7.07
C ASN A 94 19.30 23.21 7.97
N VAL A 95 18.32 22.34 7.70
CA VAL A 95 17.09 22.31 8.48
C VAL A 95 17.25 21.30 9.61
N GLU A 96 17.05 21.76 10.84
CA GLU A 96 17.11 20.90 12.01
C GLU A 96 15.88 19.98 11.96
N ASN A 97 16.09 18.70 12.22
CA ASN A 97 15.02 17.70 12.20
C ASN A 97 14.24 17.70 10.87
N LEU A 98 14.98 17.70 9.77
CA LEU A 98 14.38 17.71 8.43
C LEU A 98 13.44 16.54 8.21
N GLU A 99 13.87 15.34 8.59
CA GLU A 99 13.04 14.14 8.42
C GLU A 99 11.70 14.29 9.13
N GLU A 100 11.72 14.75 10.37
CA GLU A 100 10.49 14.93 11.13
C GLU A 100 9.59 15.98 10.47
N LEU A 101 10.20 17.06 9.99
CA LEU A 101 9.43 18.13 9.33
C LEU A 101 8.74 17.59 8.09
N ARG A 102 9.51 16.94 7.20
CA ARG A 102 8.95 16.36 5.98
C ARG A 102 7.88 15.32 6.28
N SER A 103 8.08 14.58 7.37
CA SER A 103 7.11 13.56 7.77
C SER A 103 5.83 14.23 8.29
N LEU A 104 6.00 15.22 9.17
CA LEU A 104 4.85 15.92 9.74
C LEU A 104 4.02 16.53 8.62
N PHE A 105 4.71 17.17 7.69
CA PHE A 105 4.03 17.81 6.57
C PHE A 105 3.26 16.83 5.72
N SER A 106 3.94 15.79 5.25
CA SER A 106 3.30 14.80 4.38
C SER A 106 2.14 14.05 5.02
N SER A 107 2.10 13.99 6.34
CA SER A 107 1.02 13.29 7.04
C SER A 107 -0.28 14.06 6.98
N ALA A 108 -0.18 15.38 6.85
CA ALA A 108 -1.37 16.21 6.74
C ALA A 108 -1.92 16.02 5.33
N SER A 109 -3.11 16.54 5.08
CA SER A 109 -3.71 16.45 3.75
C SER A 109 -3.86 17.84 3.14
N SER A 110 -3.37 18.86 3.84
CA SER A 110 -3.42 20.23 3.33
C SER A 110 -2.71 21.25 4.21
N TYR A 111 -2.37 22.39 3.60
CA TYR A 111 -1.73 23.49 4.30
C TYR A 111 -2.30 24.79 3.75
N GLN A 112 -2.31 25.81 4.60
CA GLN A 112 -2.81 27.13 4.23
C GLN A 112 -1.90 28.09 4.99
N ARG A 113 -1.26 29.01 4.28
CA ARG A 113 -0.37 29.96 4.94
C ARG A 113 -1.14 30.94 5.81
N ILE A 114 -0.47 31.48 6.83
CA ILE A 114 -1.06 32.44 7.74
C ILE A 114 0.05 33.38 8.18
N GLN A 115 -0.20 34.69 8.10
CA GLN A 115 0.84 35.66 8.50
C GLN A 115 1.00 35.72 10.02
N ILE A 116 2.24 35.64 10.47
CA ILE A 116 2.54 35.69 11.89
C ILE A 116 3.00 37.09 12.32
N PHE A 117 4.02 37.61 11.65
CA PHE A 117 4.54 38.94 11.95
C PHE A 117 4.47 39.87 10.76
N PRO A 118 3.59 40.88 10.83
CA PRO A 118 3.44 41.85 9.74
C PRO A 118 4.72 42.66 9.62
N ASP A 119 5.12 42.97 8.39
CA ASP A 119 6.34 43.75 8.16
C ASP A 119 6.41 45.05 8.97
N THR A 120 5.26 45.68 9.19
CA THR A 120 5.19 46.94 9.92
C THR A 120 5.72 46.90 11.35
N ILE A 121 5.55 45.77 12.04
CA ILE A 121 6.00 45.65 13.42
C ILE A 121 7.49 45.86 13.66
N TRP A 122 8.31 45.59 12.65
CA TRP A 122 9.74 45.74 12.81
C TRP A 122 10.22 47.18 12.81
N ASN A 123 11.31 47.42 13.52
CA ASN A 123 11.92 48.74 13.61
C ASN A 123 13.27 48.69 12.92
N VAL A 124 13.43 47.68 12.06
CA VAL A 124 14.65 47.50 11.30
C VAL A 124 14.31 47.08 9.87
N SER A 125 15.31 47.00 9.01
CA SER A 125 15.03 46.61 7.63
C SER A 125 14.54 45.16 7.64
N TYR A 126 13.65 44.82 6.72
CA TYR A 126 13.11 43.47 6.69
C TYR A 126 13.05 42.84 5.30
N SER A 127 13.46 43.58 4.28
CA SER A 127 13.39 43.07 2.92
C SER A 127 14.70 42.54 2.35
N GLY A 128 15.64 42.20 3.22
CA GLY A 128 16.91 41.69 2.75
C GLY A 128 16.72 40.53 1.78
N THR A 129 17.62 40.40 0.83
CA THR A 129 17.53 39.32 -0.16
C THR A 129 18.91 38.77 -0.45
N SER A 130 18.99 37.84 -1.40
CA SER A 130 20.26 37.25 -1.76
C SER A 130 20.22 36.71 -3.18
N SER A 131 21.38 36.68 -3.84
CA SER A 131 21.47 36.17 -5.19
C SER A 131 21.30 34.66 -5.19
N ALA A 132 21.56 34.04 -4.04
CA ALA A 132 21.44 32.60 -3.90
C ALA A 132 19.97 32.21 -3.92
N CYS A 133 19.10 33.20 -3.70
CA CYS A 133 17.67 32.96 -3.70
C CYS A 133 16.94 33.76 -4.78
N SER A 134 17.43 33.64 -6.02
CA SER A 134 16.82 34.35 -7.15
C SER A 134 16.76 35.84 -6.88
N ASP A 135 17.81 36.38 -6.27
CA ASP A 135 17.85 37.80 -5.94
C ASP A 135 16.63 38.20 -5.14
N SER A 136 16.10 37.25 -4.38
CA SER A 136 14.94 37.48 -3.55
C SER A 136 15.14 36.79 -2.20
N PHE A 137 14.06 36.32 -1.59
CA PHE A 137 14.17 35.62 -0.31
C PHE A 137 12.94 34.77 -0.03
N TYR A 138 13.02 33.99 1.06
CA TYR A 138 11.93 33.11 1.48
C TYR A 138 10.66 33.88 1.79
N ARG A 139 9.51 33.31 1.42
CA ARG A 139 8.23 33.95 1.69
C ARG A 139 7.74 33.60 3.10
N SER A 140 8.45 32.68 3.76
CA SER A 140 8.08 32.27 5.11
C SER A 140 8.77 33.06 6.20
N MET A 141 9.85 33.75 5.85
CA MET A 141 10.61 34.51 6.84
C MET A 141 11.14 35.83 6.29
N ARG A 142 11.60 36.68 7.20
CA ARG A 142 12.17 37.98 6.83
C ARG A 142 13.60 38.11 7.34
N TRP A 143 14.52 38.44 6.44
CA TRP A 143 15.91 38.61 6.82
C TRP A 143 16.06 40.00 7.45
N LEU A 144 15.93 40.09 8.77
CA LEU A 144 16.05 41.37 9.46
C LEU A 144 17.49 41.86 9.48
N THR A 145 17.71 43.11 9.07
CA THR A 145 19.03 43.72 9.08
C THR A 145 18.89 45.16 9.53
N GLN A 146 20.02 45.79 9.89
CA GLN A 146 19.99 47.16 10.39
C GLN A 146 19.44 48.22 9.43
N LYS A 147 18.82 49.23 10.02
CA LYS A 147 18.22 50.34 9.30
C LYS A 147 18.76 51.64 9.91
N ASN A 148 19.47 52.42 9.11
CA ASN A 148 20.07 53.69 9.56
C ASN A 148 21.22 53.42 10.51
N ASN A 149 22.02 52.41 10.21
CA ASN A 149 23.17 52.04 11.05
C ASN A 149 22.72 51.79 12.49
N ALA A 150 21.48 51.34 12.64
CA ALA A 150 20.93 51.06 13.96
C ALA A 150 20.13 49.76 13.93
N TYR A 151 20.26 48.99 15.00
CA TYR A 151 19.53 47.74 15.11
C TYR A 151 19.08 47.60 16.56
N PRO A 152 17.99 48.29 16.92
CA PRO A 152 17.47 48.22 18.28
C PRO A 152 17.05 46.79 18.57
N ILE A 153 16.84 46.46 19.83
CA ILE A 153 16.41 45.12 20.17
C ILE A 153 15.01 44.94 19.61
N GLN A 154 14.78 43.86 18.88
CA GLN A 154 13.47 43.58 18.32
C GLN A 154 12.78 42.57 19.23
N ASP A 155 11.51 42.82 19.53
CA ASP A 155 10.75 41.94 20.40
C ASP A 155 9.31 41.95 19.93
N ALA A 156 8.92 40.91 19.21
CA ALA A 156 7.55 40.81 18.68
C ALA A 156 6.79 39.65 19.31
N GLN A 157 5.46 39.71 19.22
CA GLN A 157 4.59 38.67 19.78
C GLN A 157 3.47 38.30 18.83
N TYR A 158 2.99 37.07 18.97
CA TYR A 158 1.89 36.57 18.17
C TYR A 158 1.20 35.46 18.93
N THR A 159 -0.13 35.50 18.98
CA THR A 159 -0.91 34.50 19.69
C THR A 159 -1.82 33.73 18.75
N ASN A 160 -1.68 32.41 18.77
CA ASN A 160 -2.48 31.54 17.93
C ASN A 160 -3.93 31.55 18.42
N ASN A 161 -4.80 32.24 17.68
CA ASN A 161 -6.22 32.29 18.02
C ASN A 161 -7.03 31.64 16.89
N ARG A 162 -6.35 30.93 16.02
CA ARG A 162 -6.98 30.25 14.88
C ARG A 162 -7.61 28.93 15.26
N GLY A 163 -7.44 28.51 16.51
CA GLY A 163 -8.02 27.24 16.93
C GLY A 163 -7.37 26.06 16.24
N LYS A 164 -6.20 26.29 15.65
CA LYS A 164 -5.47 25.23 14.97
C LYS A 164 -3.97 25.46 15.07
N SER A 165 -3.22 24.37 15.09
CA SER A 165 -1.76 24.44 15.19
C SER A 165 -1.16 25.11 13.98
N ILE A 166 -0.14 25.92 14.23
CA ILE A 166 0.56 26.63 13.17
C ILE A 166 2.02 26.21 13.12
N LEU A 167 2.44 25.69 11.97
CA LEU A 167 3.81 25.29 11.77
C LEU A 167 4.55 26.58 11.40
N PHE A 168 5.57 26.96 12.15
CA PHE A 168 6.31 28.17 11.83
C PHE A 168 7.80 27.91 11.67
N MET A 169 8.46 28.81 10.96
CA MET A 169 9.89 28.68 10.66
C MET A 169 10.69 29.92 11.02
N TRP A 170 12.01 29.76 11.14
CA TRP A 170 12.91 30.86 11.43
C TRP A 170 14.34 30.41 11.18
N GLY A 171 15.27 31.35 11.18
CA GLY A 171 16.65 30.99 10.95
C GLY A 171 17.61 31.86 11.72
N ILE A 172 18.87 31.42 11.80
CA ILE A 172 19.90 32.18 12.48
C ILE A 172 21.03 32.34 11.50
N ASN A 173 21.35 33.58 11.15
CA ASN A 173 22.42 33.86 10.20
C ASN A 173 23.80 33.81 10.83
N HIS A 174 24.73 33.19 10.11
CA HIS A 174 26.12 33.07 10.55
C HIS A 174 27.01 33.68 9.46
N PRO A 175 27.28 34.99 9.55
CA PRO A 175 28.12 35.72 8.58
C PRO A 175 29.52 35.12 8.44
N PRO A 176 30.15 35.28 7.27
CA PRO A 176 31.49 34.75 7.04
C PRO A 176 32.63 35.60 7.64
N THR A 177 32.32 36.84 8.00
CA THR A 177 33.32 37.74 8.57
C THR A 177 32.72 38.69 9.62
N ASP A 178 33.59 39.27 10.43
CA ASP A 178 33.18 40.21 11.47
C ASP A 178 32.65 41.50 10.87
N THR A 179 33.18 41.88 9.71
CA THR A 179 32.75 43.10 9.05
C THR A 179 31.31 42.95 8.55
N VAL A 180 31.03 41.82 7.90
CA VAL A 180 29.67 41.58 7.42
C VAL A 180 28.72 41.53 8.61
N GLN A 181 29.16 40.93 9.72
CA GLN A 181 28.34 40.84 10.92
C GLN A 181 27.94 42.23 11.43
N THR A 182 28.94 43.07 11.70
CA THR A 182 28.67 44.42 12.20
C THR A 182 27.87 45.17 11.14
N ASN A 183 28.25 44.93 9.90
CA ASN A 183 27.63 45.54 8.74
C ASN A 183 26.11 45.32 8.67
N LEU A 184 25.67 44.13 9.09
CA LEU A 184 24.26 43.80 9.05
C LEU A 184 23.52 44.02 10.37
N TYR A 185 24.19 43.78 11.48
CA TYR A 185 23.53 43.91 12.77
C TYR A 185 24.10 44.94 13.74
N THR A 186 25.15 45.65 13.32
CA THR A 186 25.75 46.69 14.16
C THR A 186 26.64 46.16 15.29
N ARG A 187 26.50 44.88 15.61
CA ARG A 187 27.27 44.27 16.68
C ARG A 187 27.69 42.84 16.35
N THR A 188 28.79 42.39 16.94
CA THR A 188 29.30 41.04 16.70
C THR A 188 28.78 40.06 17.74
N ASP A 189 28.26 40.58 18.85
CA ASP A 189 27.76 39.74 19.91
C ASP A 189 26.26 39.93 20.07
N THR A 190 25.50 39.09 19.38
CA THR A 190 24.05 39.20 19.45
C THR A 190 23.42 38.02 20.17
N THR A 191 22.15 38.16 20.49
CA THR A 191 21.41 37.13 21.18
C THR A 191 19.98 37.10 20.65
N THR A 192 19.58 35.97 20.09
CA THR A 192 18.24 35.81 19.55
C THR A 192 17.48 34.77 20.36
N SER A 193 16.20 35.01 20.58
CA SER A 193 15.38 34.11 21.36
C SER A 193 14.03 33.85 20.71
N VAL A 194 13.65 32.58 20.65
CA VAL A 194 12.36 32.18 20.08
C VAL A 194 11.70 31.38 21.19
N THR A 195 10.55 31.84 21.66
CA THR A 195 9.88 31.18 22.77
C THR A 195 8.35 31.15 22.74
N THR A 196 7.80 30.21 23.50
CA THR A 196 6.35 30.04 23.65
C THR A 196 6.13 29.57 25.09
N GLU A 197 4.96 29.01 25.37
CA GLU A 197 4.70 28.50 26.72
C GLU A 197 5.50 27.21 26.92
N ASP A 198 5.81 26.53 25.80
CA ASP A 198 6.54 25.27 25.88
C ASP A 198 8.04 25.33 25.57
N ILE A 199 8.38 25.85 24.39
CA ILE A 199 9.78 25.93 24.01
C ILE A 199 10.46 27.21 24.50
N ASN A 200 11.78 27.13 24.63
CA ASN A 200 12.58 28.25 25.09
C ASN A 200 13.96 28.14 24.47
N ARG A 201 14.07 28.55 23.22
CA ARG A 201 15.34 28.46 22.50
C ARG A 201 16.04 29.80 22.31
N THR A 202 17.36 29.76 22.42
CA THR A 202 18.19 30.96 22.29
C THR A 202 19.33 30.63 21.35
N PHE A 203 19.82 31.62 20.62
CA PHE A 203 20.90 31.40 19.67
C PHE A 203 21.87 32.57 19.67
N LYS A 204 23.12 32.27 19.31
CA LYS A 204 24.18 33.27 19.25
C LYS A 204 24.98 32.95 18.00
N PRO A 205 25.38 33.97 17.24
CA PRO A 205 26.15 33.74 16.02
C PRO A 205 27.60 33.30 16.25
N VAL A 206 28.18 32.71 15.21
CA VAL A 206 29.56 32.28 15.23
C VAL A 206 30.13 32.59 13.85
N ILE A 207 30.72 33.77 13.74
CA ILE A 207 31.29 34.25 12.50
C ILE A 207 32.45 33.39 12.00
N GLY A 208 32.52 33.23 10.68
CA GLY A 208 33.57 32.43 10.09
C GLY A 208 33.17 31.94 8.71
N PRO A 209 34.14 31.77 7.79
CA PRO A 209 33.85 31.30 6.43
C PRO A 209 33.70 29.79 6.30
N ARG A 210 32.56 29.35 5.80
CA ARG A 210 32.32 27.92 5.60
C ARG A 210 32.61 27.63 4.13
N PRO A 211 32.76 26.35 3.78
CA PRO A 211 33.03 26.04 2.37
C PRO A 211 31.98 26.69 1.48
N LEU A 212 32.36 27.03 0.25
CA LEU A 212 31.45 27.66 -0.68
C LEU A 212 30.23 26.81 -1.05
N VAL A 213 29.08 27.47 -1.12
CA VAL A 213 27.82 26.84 -1.50
C VAL A 213 27.02 27.99 -2.09
N ASN A 214 26.41 27.76 -3.26
CA ASN A 214 25.64 28.82 -3.91
C ASN A 214 26.46 30.11 -3.93
N GLY A 215 27.76 29.97 -4.19
CA GLY A 215 28.64 31.12 -4.23
C GLY A 215 28.79 31.91 -2.94
N LEU A 216 28.48 31.29 -1.80
CA LEU A 216 28.58 31.97 -0.51
C LEU A 216 29.38 31.19 0.54
N HIS A 217 29.97 31.93 1.49
CA HIS A 217 30.75 31.33 2.57
C HIS A 217 29.97 31.41 3.88
N GLY A 218 28.92 32.23 3.89
CA GLY A 218 28.11 32.38 5.08
C GLY A 218 27.05 31.29 5.16
N ARG A 219 26.25 31.31 6.23
CA ARG A 219 25.21 30.30 6.39
C ARG A 219 24.02 30.79 7.19
N ILE A 220 22.93 30.03 7.08
CA ILE A 220 21.72 30.30 7.83
C ILE A 220 21.23 28.95 8.34
N ASP A 221 21.16 28.81 9.66
CA ASP A 221 20.67 27.57 10.25
C ASP A 221 19.17 27.71 10.32
N TYR A 222 18.46 26.73 9.76
CA TYR A 222 17.01 26.77 9.74
C TYR A 222 16.38 25.92 10.82
N TYR A 223 15.28 26.43 11.37
CA TYR A 223 14.54 25.75 12.42
C TYR A 223 13.04 25.86 12.18
N TRP A 224 12.28 25.12 12.97
CA TRP A 224 10.84 25.13 12.85
C TRP A 224 10.22 24.59 14.15
N SER A 225 8.91 24.80 14.31
CA SER A 225 8.22 24.34 15.49
C SER A 225 6.72 24.54 15.26
N VAL A 226 5.91 24.08 16.20
CA VAL A 226 4.47 24.19 16.04
C VAL A 226 3.79 24.96 17.17
N LEU A 227 3.26 26.13 16.85
CA LEU A 227 2.56 26.95 17.83
C LEU A 227 1.15 26.40 17.97
N LYS A 228 0.84 25.83 19.13
CA LYS A 228 -0.48 25.24 19.38
C LYS A 228 -1.54 26.29 19.68
N PRO A 229 -2.83 25.93 19.49
CA PRO A 229 -3.92 26.88 19.75
C PRO A 229 -3.80 27.52 21.14
N GLY A 230 -3.98 28.84 21.19
CA GLY A 230 -3.90 29.53 22.47
C GLY A 230 -2.49 29.92 22.88
N GLN A 231 -1.47 29.21 22.40
CA GLN A 231 -0.10 29.53 22.76
C GLN A 231 0.35 30.85 22.14
N THR A 232 1.39 31.43 22.71
CA THR A 232 1.93 32.68 22.24
C THR A 232 3.39 32.51 21.86
N LEU A 233 3.74 32.95 20.66
CA LEU A 233 5.11 32.86 20.16
C LEU A 233 5.73 34.21 20.46
N ARG A 234 7.01 34.23 20.76
CA ARG A 234 7.69 35.48 21.04
C ARG A 234 9.12 35.41 20.54
N VAL A 235 9.54 36.46 19.85
CA VAL A 235 10.89 36.49 19.33
C VAL A 235 11.58 37.78 19.72
N ARG A 236 12.80 37.64 20.23
CA ARG A 236 13.61 38.77 20.65
C ARG A 236 14.96 38.58 19.99
N SER A 237 15.52 39.67 19.48
CA SER A 237 16.81 39.59 18.85
C SER A 237 17.41 40.96 18.72
N ASN A 238 18.73 41.01 18.72
CA ASN A 238 19.46 42.25 18.56
C ASN A 238 20.40 42.00 17.40
N GLY A 239 20.04 41.01 16.59
CA GLY A 239 20.84 40.67 15.42
C GLY A 239 20.88 39.19 15.08
N ASN A 240 21.18 38.89 13.82
CA ASN A 240 21.29 37.52 13.31
C ASN A 240 20.02 36.69 13.13
N LEU A 241 18.88 37.20 13.61
CA LEU A 241 17.61 36.48 13.48
C LEU A 241 16.99 36.59 12.08
N ILE A 242 16.45 35.46 11.60
CA ILE A 242 15.76 35.40 10.32
C ILE A 242 14.35 35.13 10.81
N ALA A 243 13.62 36.21 11.07
CA ALA A 243 12.27 36.15 11.63
C ALA A 243 11.16 35.44 10.90
N PRO A 244 10.27 34.80 11.66
CA PRO A 244 9.12 34.08 11.10
C PRO A 244 8.23 35.16 10.45
N TRP A 245 7.73 34.89 9.25
CA TRP A 245 6.87 35.85 8.56
C TRP A 245 5.50 35.23 8.34
N TYR A 246 5.48 34.06 7.70
CA TYR A 246 4.24 33.33 7.45
C TYR A 246 4.42 31.90 7.94
N GLY A 247 3.35 31.35 8.50
CA GLY A 247 3.41 29.98 8.98
C GLY A 247 2.38 29.18 8.19
N HIS A 248 2.29 27.89 8.47
CA HIS A 248 1.34 27.03 7.78
C HIS A 248 0.38 26.39 8.76
N ILE A 249 -0.88 26.27 8.35
CA ILE A 249 -1.86 25.59 9.17
C ILE A 249 -2.03 24.27 8.44
N LEU A 250 -1.70 23.18 9.13
CA LEU A 250 -1.84 21.85 8.53
C LEU A 250 -3.17 21.25 8.95
N SER A 251 -3.79 20.49 8.06
CA SER A 251 -5.08 19.87 8.38
C SER A 251 -5.23 18.47 7.81
N GLY A 252 -6.16 17.74 8.39
CA GLY A 252 -6.46 16.39 7.94
C GLY A 252 -5.31 15.39 7.98
N GLU A 253 -5.57 14.23 7.38
CA GLU A 253 -4.60 13.16 7.30
C GLU A 253 -4.68 12.57 5.91
N SER A 254 -3.55 12.50 5.23
CA SER A 254 -3.49 11.94 3.91
C SER A 254 -3.00 10.52 4.07
N HIS A 255 -2.55 9.89 2.99
CA HIS A 255 -2.03 8.54 3.08
C HIS A 255 -0.67 8.63 3.75
N GLY A 256 -0.18 9.86 3.88
CA GLY A 256 1.11 10.08 4.51
C GLY A 256 2.31 9.49 3.79
N ARG A 257 2.29 9.51 2.46
CA ARG A 257 3.42 8.97 1.69
C ARG A 257 4.17 10.06 0.95
N ILE A 258 5.44 9.79 0.69
CA ILE A 258 6.30 10.68 -0.08
C ILE A 258 6.97 9.82 -1.12
N LEU A 259 6.43 9.78 -2.32
CA LEU A 259 7.03 8.98 -3.38
C LEU A 259 8.05 9.81 -4.15
N LYS A 260 9.27 9.31 -4.25
CA LYS A 260 10.35 9.99 -4.96
C LYS A 260 10.58 9.22 -6.26
N THR A 261 9.83 9.57 -7.29
CA THR A 261 9.91 8.91 -8.58
C THR A 261 9.52 9.85 -9.71
N ASP A 262 9.85 9.47 -10.94
CA ASP A 262 9.50 10.29 -12.09
C ASP A 262 8.43 9.58 -12.90
N LEU A 263 7.76 8.62 -12.29
CA LEU A 263 6.69 7.88 -12.96
C LEU A 263 5.66 8.86 -13.47
N ASN A 264 5.05 8.57 -14.61
CA ASN A 264 4.06 9.46 -15.20
C ASN A 264 2.78 9.53 -14.36
N SER A 265 2.16 10.70 -14.37
CA SER A 265 0.91 10.92 -13.65
C SER A 265 -0.15 11.00 -14.74
N GLY A 266 -1.38 10.65 -14.40
CA GLY A 266 -2.43 10.72 -15.39
C GLY A 266 -3.74 11.15 -14.78
N ASN A 267 -4.74 11.35 -15.63
CA ASN A 267 -6.06 11.75 -15.18
C ASN A 267 -6.80 10.44 -14.93
N CYS A 268 -6.45 9.79 -13.82
CA CYS A 268 -7.02 8.51 -13.45
C CYS A 268 -7.30 8.41 -11.96
N VAL A 269 -8.10 7.41 -11.60
CA VAL A 269 -8.42 7.15 -10.21
C VAL A 269 -8.31 5.64 -9.99
N VAL A 270 -7.64 5.26 -8.90
CA VAL A 270 -7.49 3.85 -8.57
C VAL A 270 -7.78 3.66 -7.09
N GLN A 271 -8.00 2.41 -6.69
CA GLN A 271 -8.27 2.14 -5.29
C GLN A 271 -6.93 2.00 -4.57
N CYS A 272 -5.96 1.40 -5.25
CA CYS A 272 -4.64 1.15 -4.69
C CYS A 272 -3.47 1.70 -5.50
N GLN A 273 -2.68 2.56 -4.87
CA GLN A 273 -1.54 3.17 -5.55
C GLN A 273 -0.20 2.67 -5.02
N THR A 274 0.78 2.51 -5.91
CA THR A 274 2.14 2.09 -5.53
C THR A 274 3.08 2.98 -6.31
N GLU A 275 4.37 2.95 -5.96
CA GLU A 275 5.34 3.79 -6.67
C GLU A 275 5.57 3.33 -8.11
N ARG A 276 5.09 2.14 -8.46
CA ARG A 276 5.24 1.60 -9.80
C ARG A 276 3.97 1.79 -10.64
N GLY A 277 2.86 2.06 -9.96
CA GLY A 277 1.61 2.24 -10.67
C GLY A 277 0.45 1.86 -9.76
N GLY A 278 -0.77 2.09 -10.24
CA GLY A 278 -1.95 1.78 -9.44
C GLY A 278 -2.70 0.60 -9.98
N LEU A 279 -3.71 0.16 -9.23
CA LEU A 279 -4.49 -1.00 -9.63
C LEU A 279 -5.86 -1.02 -8.95
N ASN A 280 -6.74 -1.82 -9.52
CA ASN A 280 -8.11 -2.03 -9.04
C ASN A 280 -8.29 -3.54 -9.07
N THR A 281 -8.81 -4.13 -8.00
CA THR A 281 -9.01 -5.57 -7.98
C THR A 281 -9.84 -6.03 -6.78
N THR A 282 -10.37 -7.23 -6.88
CA THR A 282 -11.17 -7.81 -5.80
C THR A 282 -10.41 -9.00 -5.22
N LEU A 283 -9.31 -9.37 -5.87
CA LEU A 283 -8.50 -10.50 -5.41
C LEU A 283 -7.86 -10.15 -4.06
N PRO A 284 -7.64 -11.18 -3.22
CA PRO A 284 -7.05 -10.95 -1.90
C PRO A 284 -5.58 -10.50 -1.84
N PHE A 285 -4.80 -10.86 -2.87
CA PHE A 285 -3.38 -10.48 -2.87
C PHE A 285 -2.89 -9.79 -4.13
N HIS A 286 -1.68 -9.24 -4.03
CA HIS A 286 -1.02 -8.59 -5.16
C HIS A 286 0.50 -8.63 -4.91
N ASN A 287 1.28 -8.55 -5.97
CA ASN A 287 2.73 -8.59 -5.83
C ASN A 287 3.39 -7.37 -6.45
N VAL A 288 2.63 -6.30 -6.59
CA VAL A 288 3.13 -5.07 -7.20
C VAL A 288 4.15 -4.32 -6.32
N SER A 289 3.84 -4.14 -5.04
CA SER A 289 4.75 -3.46 -4.14
C SER A 289 4.28 -3.47 -2.69
N LYS A 290 5.22 -3.65 -1.77
CA LYS A 290 4.90 -3.66 -0.35
C LYS A 290 4.56 -2.23 0.10
N TYR A 291 4.89 -1.24 -0.72
CA TYR A 291 4.60 0.15 -0.37
C TYR A 291 3.23 0.62 -0.81
N ALA A 292 2.43 -0.29 -1.39
CA ALA A 292 1.10 0.07 -1.86
C ALA A 292 0.27 0.71 -0.75
N PHE A 293 -0.57 1.67 -1.13
CA PHE A 293 -1.42 2.36 -0.17
C PHE A 293 -2.76 2.71 -0.80
N GLY A 294 -3.76 2.95 0.06
CA GLY A 294 -5.10 3.25 -0.41
C GLY A 294 -6.01 2.13 0.02
N ASN A 295 -6.87 1.68 -0.88
CA ASN A 295 -7.82 0.59 -0.62
C ASN A 295 -7.19 -0.59 -1.36
N CYS A 296 -6.32 -1.32 -0.65
CA CYS A 296 -5.56 -2.41 -1.24
C CYS A 296 -5.73 -3.82 -0.73
N PRO A 297 -5.28 -4.79 -1.54
CA PRO A 297 -5.33 -6.22 -1.18
C PRO A 297 -4.03 -6.38 -0.37
N LYS A 298 -3.74 -7.58 0.11
CA LYS A 298 -2.52 -7.78 0.90
C LYS A 298 -1.36 -8.11 -0.03
N TYR A 299 -0.23 -7.43 0.16
CA TYR A 299 0.95 -7.68 -0.66
C TYR A 299 1.59 -9.02 -0.29
N VAL A 300 2.05 -9.75 -1.29
CA VAL A 300 2.70 -11.05 -1.12
C VAL A 300 3.76 -11.14 -2.22
N GLY A 301 5.00 -11.45 -1.82
CA GLY A 301 6.06 -11.53 -2.81
C GLY A 301 6.16 -12.87 -3.53
N VAL A 302 5.24 -13.11 -4.46
CA VAL A 302 5.25 -14.35 -5.23
C VAL A 302 4.71 -14.08 -6.62
N LYS A 303 4.82 -15.05 -7.51
CA LYS A 303 4.36 -14.89 -8.88
C LYS A 303 2.94 -15.40 -9.09
N SER A 304 2.46 -16.23 -8.18
CA SER A 304 1.14 -16.78 -8.33
C SER A 304 0.64 -17.50 -7.08
N LEU A 305 -0.67 -17.45 -6.85
CA LEU A 305 -1.28 -18.12 -5.72
C LEU A 305 -2.56 -18.74 -6.23
N LYS A 306 -2.39 -19.82 -6.98
CA LYS A 306 -3.49 -20.53 -7.63
C LYS A 306 -4.21 -21.50 -6.68
N LEU A 307 -5.47 -21.19 -6.41
CA LEU A 307 -6.31 -21.99 -5.54
C LEU A 307 -7.16 -23.01 -6.33
N ALA A 308 -7.13 -24.27 -5.89
CA ALA A 308 -7.91 -25.30 -6.53
C ALA A 308 -9.39 -25.07 -6.25
N VAL A 309 -10.21 -25.26 -7.28
CA VAL A 309 -11.65 -25.13 -7.17
C VAL A 309 -12.25 -26.47 -7.58
N GLY A 310 -11.90 -26.92 -8.79
CA GLY A 310 -12.39 -28.19 -9.27
C GLY A 310 -11.56 -29.36 -8.76
N LEU A 311 -11.72 -30.54 -9.37
CA LEU A 311 -11.00 -31.74 -8.96
C LEU A 311 -9.77 -32.07 -9.82
N ARG A 312 -9.03 -33.10 -9.44
CA ARG A 312 -7.84 -33.50 -10.18
C ARG A 312 -8.25 -33.89 -11.59
N ASN A 313 -7.62 -33.26 -12.57
CA ASN A 313 -7.94 -33.50 -13.98
C ASN A 313 -7.21 -34.74 -14.50
N VAL A 314 -7.92 -35.85 -14.59
CA VAL A 314 -7.35 -37.11 -15.05
C VAL A 314 -7.82 -37.50 -16.45
N PRO A 315 -6.94 -37.41 -17.45
CA PRO A 315 -7.30 -37.75 -18.82
C PRO A 315 -7.50 -39.26 -18.97
N ALA A 316 -8.58 -39.67 -19.62
CA ALA A 316 -8.84 -41.09 -19.84
C ALA A 316 -7.77 -41.66 -20.77
N ARG A 317 -7.61 -41.01 -21.93
CA ARG A 317 -6.65 -41.40 -22.95
C ARG A 317 -5.25 -41.72 -22.40
N GLY B 1 -5.47 -41.25 -4.28
CA GLY B 1 -5.57 -40.21 -3.20
C GLY B 1 -6.24 -40.75 -1.95
N LEU B 2 -6.31 -39.90 -0.93
CA LEU B 2 -6.89 -40.23 0.36
C LEU B 2 -8.13 -41.13 0.33
N PHE B 3 -9.10 -40.80 -0.51
CA PHE B 3 -10.32 -41.60 -0.53
C PHE B 3 -10.37 -42.70 -1.60
N GLY B 4 -9.26 -42.87 -2.31
CA GLY B 4 -9.14 -43.91 -3.31
C GLY B 4 -10.02 -43.95 -4.55
N ALA B 5 -10.83 -42.93 -4.79
CA ALA B 5 -11.71 -42.94 -5.97
C ALA B 5 -11.12 -42.25 -7.19
N ILE B 6 -10.97 -40.93 -7.13
CA ILE B 6 -10.42 -40.17 -8.25
C ILE B 6 -8.98 -40.59 -8.54
N ALA B 7 -8.71 -40.92 -9.80
CA ALA B 7 -7.37 -41.37 -10.18
C ALA B 7 -7.02 -42.52 -9.24
N GLY B 8 -8.05 -43.26 -8.84
CA GLY B 8 -7.88 -44.39 -7.95
C GLY B 8 -8.44 -45.64 -8.61
N PHE B 9 -9.45 -46.25 -8.02
CA PHE B 9 -10.02 -47.43 -8.64
C PHE B 9 -10.92 -47.05 -9.81
N ILE B 10 -11.20 -45.75 -9.92
CA ILE B 10 -11.96 -45.23 -11.05
C ILE B 10 -10.80 -44.45 -11.70
N GLU B 11 -10.05 -45.18 -12.51
CA GLU B 11 -8.84 -44.70 -13.15
C GLU B 11 -8.83 -43.41 -13.93
N GLY B 12 -9.93 -43.06 -14.59
CA GLY B 12 -9.91 -41.82 -15.36
C GLY B 12 -11.19 -41.00 -15.28
N GLY B 13 -11.11 -39.76 -15.75
CA GLY B 13 -12.27 -38.89 -15.75
C GLY B 13 -13.04 -39.04 -17.06
N TRP B 14 -14.15 -38.34 -17.19
CA TRP B 14 -14.97 -38.40 -18.39
C TRP B 14 -15.07 -37.04 -19.07
N PRO B 15 -14.65 -36.93 -20.34
CA PRO B 15 -14.75 -35.63 -21.02
C PRO B 15 -16.21 -35.40 -21.40
N GLY B 16 -16.95 -36.50 -21.47
CA GLY B 16 -18.36 -36.43 -21.82
C GLY B 16 -19.26 -35.87 -20.73
N LEU B 17 -18.75 -35.81 -19.49
CA LEU B 17 -19.53 -35.28 -18.37
C LEU B 17 -19.32 -33.77 -18.32
N VAL B 18 -20.20 -33.04 -19.00
CA VAL B 18 -20.06 -31.58 -19.07
C VAL B 18 -20.82 -30.73 -18.07
N ALA B 19 -21.90 -31.26 -17.48
CA ALA B 19 -22.67 -30.44 -16.54
C ALA B 19 -22.05 -30.30 -15.16
N GLY B 20 -21.34 -31.32 -14.71
CA GLY B 20 -20.75 -31.24 -13.39
C GLY B 20 -19.56 -32.13 -13.11
N TRP B 21 -19.10 -32.06 -11.88
CA TRP B 21 -17.95 -32.83 -11.42
C TRP B 21 -18.17 -34.34 -11.26
N TYR B 22 -19.34 -34.74 -10.75
CA TYR B 22 -19.64 -36.15 -10.53
C TYR B 22 -20.90 -36.61 -11.25
N GLY B 23 -20.95 -37.86 -11.70
CA GLY B 23 -22.13 -38.33 -12.38
C GLY B 23 -22.24 -39.81 -12.62
N PHE B 24 -23.20 -40.20 -13.47
CA PHE B 24 -23.42 -41.60 -13.80
C PHE B 24 -23.39 -41.85 -15.29
N GLN B 25 -22.98 -43.06 -15.65
CA GLN B 25 -22.98 -43.50 -17.04
C GLN B 25 -23.66 -44.84 -17.00
N HIS B 26 -24.66 -45.05 -17.86
CA HIS B 26 -25.35 -46.33 -17.86
C HIS B 26 -25.24 -47.03 -19.22
N SER B 27 -25.52 -48.32 -19.23
CA SER B 27 -25.48 -49.14 -20.44
C SER B 27 -26.57 -50.20 -20.40
N ASN B 28 -27.53 -50.07 -21.31
CA ASN B 28 -28.61 -51.03 -21.40
C ASN B 28 -28.97 -51.19 -22.88
N ASP B 29 -30.02 -51.96 -23.17
CA ASP B 29 -30.42 -52.16 -24.56
C ASP B 29 -30.61 -50.85 -25.32
N GLN B 30 -31.20 -49.86 -24.65
CA GLN B 30 -31.47 -48.58 -25.27
C GLN B 30 -30.25 -47.71 -25.56
N GLY B 31 -29.08 -48.13 -25.08
CA GLY B 31 -27.88 -47.36 -25.35
C GLY B 31 -27.03 -46.95 -24.16
N VAL B 32 -26.03 -46.13 -24.42
CA VAL B 32 -25.12 -45.65 -23.39
C VAL B 32 -25.17 -44.13 -23.29
N GLY B 33 -24.92 -43.62 -22.08
CA GLY B 33 -24.93 -42.18 -21.87
C GLY B 33 -24.59 -41.80 -20.43
N MET B 34 -24.22 -40.54 -20.24
CA MET B 34 -23.87 -40.05 -18.92
C MET B 34 -24.44 -38.67 -18.64
N ALA B 35 -24.61 -38.37 -17.36
CA ALA B 35 -25.14 -37.09 -16.92
C ALA B 35 -24.63 -36.83 -15.51
N ALA B 36 -24.40 -35.57 -15.18
CA ALA B 36 -23.93 -35.22 -13.85
C ALA B 36 -25.01 -35.46 -12.81
N ASP B 37 -24.59 -35.72 -11.58
CA ASP B 37 -25.53 -35.90 -10.49
C ASP B 37 -25.65 -34.51 -9.89
N SER B 38 -26.81 -33.89 -10.03
CA SER B 38 -27.01 -32.53 -9.54
C SER B 38 -26.86 -32.34 -8.04
N ASP B 39 -27.46 -33.25 -7.27
CA ASP B 39 -27.40 -33.15 -5.82
C ASP B 39 -25.96 -33.07 -5.31
N SER B 40 -25.17 -34.09 -5.60
CA SER B 40 -23.79 -34.10 -5.12
C SER B 40 -22.96 -32.96 -5.68
N THR B 41 -23.13 -32.65 -6.97
CA THR B 41 -22.36 -31.57 -7.59
C THR B 41 -22.69 -30.19 -7.04
N GLN B 42 -23.98 -29.87 -6.89
CA GLN B 42 -24.36 -28.56 -6.38
C GLN B 42 -23.89 -28.37 -4.94
N LYS B 43 -23.94 -29.43 -4.14
CA LYS B 43 -23.48 -29.35 -2.76
C LYS B 43 -21.98 -29.07 -2.71
N ALA B 44 -21.23 -29.67 -3.63
CA ALA B 44 -19.80 -29.44 -3.67
C ALA B 44 -19.51 -28.01 -4.16
N ILE B 45 -20.31 -27.55 -5.12
CA ILE B 45 -20.11 -26.20 -5.63
C ILE B 45 -20.30 -25.18 -4.52
N ASP B 46 -21.35 -25.35 -3.71
CA ASP B 46 -21.61 -24.41 -2.62
C ASP B 46 -20.48 -24.38 -1.60
N LYS B 47 -19.96 -25.56 -1.24
CA LYS B 47 -18.90 -25.60 -0.26
C LYS B 47 -17.60 -24.93 -0.70
N ILE B 48 -17.14 -25.27 -1.90
CA ILE B 48 -15.89 -24.68 -2.38
C ILE B 48 -16.06 -23.19 -2.67
N THR B 49 -17.24 -22.80 -3.16
CA THR B 49 -17.51 -21.38 -3.45
C THR B 49 -17.40 -20.63 -2.13
N SER B 50 -17.95 -21.23 -1.09
CA SER B 50 -17.94 -20.67 0.24
C SER B 50 -16.50 -20.59 0.74
N LYS B 51 -15.70 -21.63 0.48
CA LYS B 51 -14.31 -21.62 0.92
C LYS B 51 -13.56 -20.50 0.22
N VAL B 52 -13.78 -20.33 -1.08
CA VAL B 52 -13.10 -19.27 -1.80
C VAL B 52 -13.46 -17.91 -1.19
N ASN B 53 -14.74 -17.68 -0.95
CA ASN B 53 -15.14 -16.40 -0.38
C ASN B 53 -14.54 -16.12 0.97
N ASN B 54 -14.50 -17.14 1.83
CA ASN B 54 -13.93 -16.93 3.16
C ASN B 54 -12.43 -16.69 3.09
N ILE B 55 -11.74 -17.37 2.18
CA ILE B 55 -10.30 -17.16 2.08
C ILE B 55 -10.05 -15.72 1.67
N VAL B 56 -10.78 -15.27 0.66
CA VAL B 56 -10.66 -13.91 0.17
C VAL B 56 -10.97 -12.91 1.29
N ASP B 57 -12.04 -13.19 2.03
CA ASP B 57 -12.43 -12.30 3.10
C ASP B 57 -11.39 -12.24 4.21
N LYS B 58 -10.86 -13.39 4.60
CA LYS B 58 -9.86 -13.44 5.66
C LYS B 58 -8.48 -12.89 5.29
N MET B 59 -8.13 -12.96 4.00
CA MET B 59 -6.80 -12.53 3.58
C MET B 59 -6.64 -11.23 2.79
N ASN B 60 -7.73 -10.56 2.45
CA ASN B 60 -7.60 -9.33 1.68
C ASN B 60 -7.23 -8.08 2.46
N LYS B 61 -7.00 -8.19 3.76
CA LYS B 61 -6.62 -7.02 4.54
C LYS B 61 -5.16 -6.67 4.30
N GLN B 62 -4.92 -5.40 4.02
CA GLN B 62 -3.58 -4.88 3.73
C GLN B 62 -2.82 -4.49 5.01
N TYR B 63 -1.51 -4.41 4.90
CA TYR B 63 -0.68 -3.94 6.01
C TYR B 63 0.04 -2.73 5.43
N GLY B 64 0.30 -1.73 6.26
CA GLY B 64 0.94 -0.53 5.76
C GLY B 64 2.40 -0.34 6.10
N ILE B 65 3.19 -0.07 5.06
CA ILE B 65 4.61 0.18 5.22
C ILE B 65 4.95 1.48 4.50
N ILE B 66 5.42 2.46 5.27
CA ILE B 66 5.79 3.76 4.72
C ILE B 66 7.30 3.77 4.65
N ASP B 67 7.84 4.24 3.53
CA ASP B 67 9.28 4.29 3.34
C ASP B 67 9.87 5.52 4.04
N HIS B 68 9.86 5.50 5.38
CA HIS B 68 10.37 6.59 6.19
C HIS B 68 11.81 6.99 5.87
N GLU B 69 12.11 8.27 6.04
CA GLU B 69 13.43 8.81 5.80
C GLU B 69 14.18 8.85 7.12
N PHE B 70 15.46 8.51 7.11
CA PHE B 70 16.28 8.50 8.32
C PHE B 70 17.56 9.31 8.07
N SER B 71 18.01 10.02 9.09
CA SER B 71 19.23 10.82 8.96
C SER B 71 20.48 9.94 9.03
N GLU B 72 21.64 10.57 8.93
CA GLU B 72 22.92 9.88 8.98
C GLU B 72 23.09 9.14 10.30
N ILE B 73 22.64 9.78 11.39
CA ILE B 73 22.79 9.19 12.71
C ILE B 73 21.59 8.40 13.23
N GLU B 74 20.80 7.83 12.33
CA GLU B 74 19.67 7.03 12.74
C GLU B 74 19.80 5.68 12.03
N THR B 75 21.03 5.21 11.89
CA THR B 75 21.27 3.94 11.22
C THR B 75 20.69 2.75 11.96
N ARG B 76 20.63 2.83 13.29
CA ARG B 76 20.06 1.74 14.07
C ARG B 76 18.55 1.72 13.91
N LEU B 77 17.93 2.90 13.99
CA LEU B 77 16.48 2.99 13.85
C LEU B 77 16.10 2.46 12.46
N ASN B 78 16.92 2.76 11.47
CA ASN B 78 16.70 2.30 10.10
C ASN B 78 16.73 0.78 10.02
N MET B 79 17.71 0.15 10.65
CA MET B 79 17.80 -1.31 10.62
C MET B 79 16.63 -1.94 11.37
N ILE B 80 16.23 -1.32 12.48
CA ILE B 80 15.13 -1.84 13.26
C ILE B 80 13.86 -1.79 12.40
N ASN B 81 13.68 -0.67 11.71
CA ASN B 81 12.52 -0.51 10.85
C ASN B 81 12.51 -1.55 9.73
N ASN B 82 13.68 -1.78 9.11
CA ASN B 82 13.78 -2.77 8.05
C ASN B 82 13.47 -4.17 8.55
N LYS B 83 13.87 -4.45 9.79
CA LYS B 83 13.60 -5.75 10.38
C LYS B 83 12.09 -5.96 10.48
N ILE B 84 11.38 -4.93 10.92
CA ILE B 84 9.93 -5.02 11.05
C ILE B 84 9.30 -5.32 9.68
N ASP B 85 9.61 -4.49 8.70
CA ASP B 85 9.06 -4.66 7.36
C ASP B 85 9.38 -6.04 6.79
N ASP B 86 10.63 -6.47 6.92
CA ASP B 86 11.00 -7.78 6.39
C ASP B 86 10.20 -8.93 6.98
N GLN B 87 10.01 -8.91 8.30
CA GLN B 87 9.26 -9.98 8.95
C GLN B 87 7.77 -9.90 8.71
N ILE B 88 7.21 -8.69 8.65
CA ILE B 88 5.79 -8.55 8.36
C ILE B 88 5.56 -9.26 7.02
N GLN B 89 6.38 -8.90 6.02
CA GLN B 89 6.28 -9.48 4.68
C GLN B 89 6.49 -11.00 4.66
N ASP B 90 7.59 -11.46 5.26
CA ASP B 90 7.87 -12.89 5.29
C ASP B 90 6.80 -13.71 6.00
N ILE B 91 6.26 -13.20 7.10
CA ILE B 91 5.24 -13.95 7.82
C ILE B 91 3.97 -14.05 6.99
N TRP B 92 3.49 -12.91 6.48
CA TRP B 92 2.28 -12.93 5.66
C TRP B 92 2.47 -13.74 4.38
N THR B 93 3.64 -13.65 3.77
CA THR B 93 3.86 -14.43 2.56
C THR B 93 3.79 -15.92 2.90
N TYR B 94 4.34 -16.29 4.06
CA TYR B 94 4.31 -17.68 4.52
C TYR B 94 2.87 -18.13 4.76
N ASN B 95 2.10 -17.31 5.47
CA ASN B 95 0.70 -17.63 5.74
C ASN B 95 -0.10 -17.80 4.44
N ALA B 96 0.10 -16.88 3.51
CA ALA B 96 -0.61 -16.93 2.25
C ALA B 96 -0.29 -18.22 1.51
N GLU B 97 1.00 -18.48 1.30
CA GLU B 97 1.42 -19.68 0.57
C GLU B 97 0.95 -20.99 1.18
N LEU B 98 1.13 -21.13 2.50
CA LEU B 98 0.72 -22.37 3.17
C LEU B 98 -0.77 -22.58 3.19
N LEU B 99 -1.54 -21.49 3.36
CA LEU B 99 -2.99 -21.61 3.38
C LEU B 99 -3.46 -22.21 2.06
N VAL B 100 -2.92 -21.69 0.96
CA VAL B 100 -3.28 -22.16 -0.37
C VAL B 100 -2.81 -23.60 -0.65
N LEU B 101 -1.56 -23.91 -0.29
CA LEU B 101 -1.04 -25.27 -0.50
C LEU B 101 -1.84 -26.30 0.29
N LEU B 102 -2.10 -25.98 1.56
CA LEU B 102 -2.84 -26.87 2.44
C LEU B 102 -4.31 -27.01 2.07
N GLU B 103 -4.97 -25.89 1.77
CA GLU B 103 -6.37 -25.97 1.40
C GLU B 103 -6.51 -26.67 0.05
N ASN B 104 -5.52 -26.52 -0.83
CA ASN B 104 -5.57 -27.19 -2.12
C ASN B 104 -5.65 -28.70 -1.96
N GLN B 105 -4.89 -29.23 -1.00
CA GLN B 105 -4.91 -30.66 -0.74
C GLN B 105 -6.30 -31.09 -0.26
N LYS B 106 -6.87 -30.33 0.68
CA LYS B 106 -8.20 -30.65 1.20
C LYS B 106 -9.26 -30.59 0.11
N THR B 107 -9.20 -29.57 -0.73
CA THR B 107 -10.17 -29.43 -1.81
C THR B 107 -10.11 -30.65 -2.73
N LEU B 108 -8.90 -31.03 -3.13
CA LEU B 108 -8.75 -32.19 -4.01
C LEU B 108 -9.27 -33.47 -3.33
N ASP B 109 -8.98 -33.64 -2.04
CA ASP B 109 -9.43 -34.83 -1.32
C ASP B 109 -10.93 -34.82 -1.08
N GLU B 110 -11.52 -33.64 -0.97
CA GLU B 110 -12.96 -33.59 -0.76
C GLU B 110 -13.72 -34.05 -2.00
N HIS B 111 -13.27 -33.64 -3.19
CA HIS B 111 -13.91 -34.08 -4.43
C HIS B 111 -13.81 -35.62 -4.48
N ASP B 112 -12.65 -36.13 -4.09
CA ASP B 112 -12.39 -37.58 -4.08
C ASP B 112 -13.40 -38.26 -3.16
N ALA B 113 -13.59 -37.68 -1.98
CA ALA B 113 -14.54 -38.22 -1.00
C ALA B 113 -15.99 -38.13 -1.54
N ASN B 114 -16.32 -37.03 -2.23
CA ASN B 114 -17.67 -36.91 -2.75
C ASN B 114 -17.96 -38.02 -3.78
N VAL B 115 -16.93 -38.39 -4.55
CA VAL B 115 -17.11 -39.44 -5.54
C VAL B 115 -17.27 -40.77 -4.81
N ASN B 116 -16.42 -40.98 -3.81
CA ASN B 116 -16.47 -42.20 -3.02
C ASN B 116 -17.84 -42.34 -2.33
N ASN B 117 -18.33 -41.25 -1.75
CA ASN B 117 -19.63 -41.27 -1.08
C ASN B 117 -20.79 -41.57 -2.06
N LEU B 118 -20.66 -41.07 -3.29
CA LEU B 118 -21.70 -41.31 -4.28
C LEU B 118 -21.68 -42.77 -4.72
N TYR B 119 -20.48 -43.31 -4.93
CA TYR B 119 -20.32 -44.70 -5.32
C TYR B 119 -20.85 -45.64 -4.24
N ASN B 120 -20.54 -45.35 -2.99
CA ASN B 120 -21.01 -46.19 -1.90
C ASN B 120 -22.52 -46.09 -1.69
N LYS B 121 -23.10 -44.96 -2.06
CA LYS B 121 -24.52 -44.76 -1.92
C LYS B 121 -25.23 -45.73 -2.87
N VAL B 122 -24.76 -45.77 -4.11
CA VAL B 122 -25.34 -46.63 -5.13
C VAL B 122 -25.10 -48.11 -4.82
N LYS B 123 -23.91 -48.45 -4.34
CA LYS B 123 -23.59 -49.82 -3.99
C LYS B 123 -24.55 -50.30 -2.91
N ARG B 124 -24.82 -49.43 -1.94
CA ARG B 124 -25.71 -49.76 -0.84
C ARG B 124 -27.12 -50.00 -1.38
N ALA B 125 -27.56 -49.12 -2.28
CA ALA B 125 -28.88 -49.21 -2.85
C ALA B 125 -29.09 -50.49 -3.64
N LEU B 126 -28.12 -50.82 -4.49
CA LEU B 126 -28.22 -52.00 -5.33
C LEU B 126 -28.26 -53.31 -4.55
N GLY B 127 -27.53 -53.37 -3.45
CA GLY B 127 -27.53 -54.58 -2.66
C GLY B 127 -26.92 -55.72 -3.45
N SER B 128 -27.56 -56.88 -3.39
CA SER B 128 -27.05 -58.05 -4.10
C SER B 128 -27.58 -58.18 -5.53
N ASN B 129 -28.20 -57.11 -6.04
CA ASN B 129 -28.73 -57.12 -7.40
C ASN B 129 -27.65 -56.73 -8.39
N ALA B 130 -26.43 -56.54 -7.90
CA ALA B 130 -25.34 -56.16 -8.78
C ALA B 130 -24.00 -56.59 -8.21
N MET B 131 -22.99 -56.62 -9.07
CA MET B 131 -21.65 -56.96 -8.66
C MET B 131 -20.70 -55.89 -9.19
N GLU B 132 -19.76 -55.48 -8.36
CA GLU B 132 -18.78 -54.46 -8.71
C GLU B 132 -17.76 -55.00 -9.69
N ASP B 133 -17.44 -54.23 -10.73
CA ASP B 133 -16.45 -54.69 -11.70
C ASP B 133 -15.08 -54.19 -11.24
N GLY B 134 -15.06 -53.49 -10.10
CA GLY B 134 -13.83 -52.96 -9.56
C GLY B 134 -13.30 -51.72 -10.23
N LYS B 135 -14.07 -51.14 -11.15
CA LYS B 135 -13.60 -49.93 -11.84
C LYS B 135 -14.56 -48.75 -11.74
N GLY B 136 -15.58 -48.88 -10.90
CA GLY B 136 -16.55 -47.81 -10.75
C GLY B 136 -17.91 -48.19 -11.31
N CYS B 137 -18.02 -49.39 -11.87
CA CYS B 137 -19.31 -49.83 -12.44
C CYS B 137 -19.96 -50.94 -11.64
N PHE B 138 -21.27 -51.05 -11.79
CA PHE B 138 -22.03 -52.09 -11.14
C PHE B 138 -22.74 -52.90 -12.22
N GLU B 139 -22.36 -54.16 -12.36
CA GLU B 139 -22.97 -55.06 -13.35
C GLU B 139 -24.27 -55.60 -12.74
N LEU B 140 -25.39 -55.11 -13.23
CA LEU B 140 -26.70 -55.53 -12.74
C LEU B 140 -27.05 -56.96 -13.12
N TYR B 141 -27.73 -57.66 -12.22
CA TYR B 141 -28.12 -59.04 -12.47
C TYR B 141 -29.47 -59.15 -13.16
N HIS B 142 -30.09 -58.00 -13.41
CA HIS B 142 -31.38 -58.00 -14.06
C HIS B 142 -31.39 -56.93 -15.14
N LYS B 143 -32.28 -57.07 -16.12
CA LYS B 143 -32.35 -56.06 -17.16
C LYS B 143 -32.81 -54.79 -16.46
N CYS B 144 -32.28 -53.65 -16.91
CA CYS B 144 -32.61 -52.38 -16.28
C CYS B 144 -32.67 -51.26 -17.33
N ASP B 145 -33.89 -50.95 -17.75
CA ASP B 145 -34.10 -49.92 -18.76
C ASP B 145 -33.98 -48.51 -18.17
N ASP B 146 -33.96 -47.51 -19.05
CA ASP B 146 -33.82 -46.12 -18.64
C ASP B 146 -34.65 -45.74 -17.42
N GLN B 147 -35.88 -46.23 -17.32
CA GLN B 147 -36.69 -45.88 -16.15
C GLN B 147 -36.08 -46.52 -14.91
N CYS B 148 -35.60 -47.75 -15.06
CA CYS B 148 -34.98 -48.44 -13.95
C CYS B 148 -33.72 -47.64 -13.60
N MET B 149 -32.90 -47.36 -14.61
CA MET B 149 -31.68 -46.58 -14.42
C MET B 149 -31.93 -45.30 -13.65
N GLU B 150 -33.04 -44.63 -13.97
CA GLU B 150 -33.37 -43.38 -13.30
C GLU B 150 -33.63 -43.58 -11.81
N THR B 151 -34.18 -44.72 -11.43
CA THR B 151 -34.44 -44.96 -10.01
C THR B 151 -33.13 -45.10 -9.26
N ILE B 152 -32.13 -45.68 -9.91
CA ILE B 152 -30.82 -45.83 -9.27
C ILE B 152 -30.23 -44.44 -9.07
N ARG B 153 -30.30 -43.60 -10.11
CA ARG B 153 -29.77 -42.25 -10.03
C ARG B 153 -30.47 -41.38 -9.01
N ASN B 154 -31.81 -41.37 -9.01
CA ASN B 154 -32.49 -40.52 -8.04
C ASN B 154 -32.71 -41.18 -6.69
N GLY B 155 -32.02 -42.29 -6.46
CA GLY B 155 -32.10 -42.99 -5.20
C GLY B 155 -33.42 -43.59 -4.75
N THR B 156 -34.17 -44.21 -5.66
CA THR B 156 -35.44 -44.83 -5.30
C THR B 156 -35.48 -46.26 -5.82
N TYR B 157 -34.31 -46.79 -6.15
CA TYR B 157 -34.21 -48.14 -6.65
C TYR B 157 -34.85 -49.12 -5.68
N ASN B 158 -35.76 -49.95 -6.19
CA ASN B 158 -36.46 -50.93 -5.36
C ASN B 158 -35.68 -52.25 -5.27
N ARG B 159 -35.32 -52.61 -4.03
CA ARG B 159 -34.57 -53.83 -3.68
C ARG B 159 -33.17 -53.49 -3.13
N ARG B 160 -33.14 -52.59 -2.15
CA ARG B 160 -31.89 -52.16 -1.53
C ARG B 160 -31.28 -53.26 -0.67
#